data_6NPI
#
_entry.id   6NPI
#
_cell.length_a   59.704
_cell.length_b   67.452
_cell.length_c   69.498
_cell.angle_alpha   90.00
_cell.angle_beta   90.00
_cell.angle_gamma   90.00
#
_symmetry.space_group_name_H-M   'P 21 21 21'
#
loop_
_entity.id
_entity.type
_entity.pdbx_description
1 polymer 'Epstein-Barr nuclear antigen 1'
2 non-polymer '2-pyrrol-1-ylbenzoic acid'
3 non-polymer '({2-[(4-bromo-5-methyl-1,2-oxazol-3-yl)amino]-2-oxoethyl}sulfanyl)acetic acid'
4 water water
#
_entity_poly.entity_id   1
_entity_poly.type   'polypeptide(L)'
_entity_poly.pdbx_seq_one_letter_code
;SHMGQGGSNPKFENIAEGLRALLARSHVERTTDEGTWVAGVFVYGGSKTSLYNLRRGTALAIPQCRLTPLSRLPFGMAPG
PGPQPGPLRESIVCYFMVFLQTHIFAEVLKDAIKDLVMTKPAPTCNIRVTVCSFDDGVDLP
;
_entity_poly.pdbx_strand_id   A,B
#
loop_
_chem_comp.id
_chem_comp.type
_chem_comp.name
_chem_comp.formula
60Q non-polymer '2-pyrrol-1-ylbenzoic acid' 'C11 H9 N O2'
KW1 non-polymer '({2-[(4-bromo-5-methyl-1,2-oxazol-3-yl)amino]-2-oxoethyl}sulfanyl)acetic acid' 'C8 H9 Br N2 O4 S'
#
# COMPACT_ATOMS: atom_id res chain seq x y z
N HIS A 2 -13.13 15.95 25.40
CA HIS A 2 -13.22 14.83 26.33
C HIS A 2 -11.91 14.61 27.07
N MET A 3 -12.01 14.10 28.30
CA MET A 3 -10.86 13.88 29.16
C MET A 3 -11.03 12.54 29.87
N GLY A 4 -10.08 11.63 29.66
CA GLY A 4 -10.14 10.32 30.27
C GLY A 4 -9.77 10.36 31.75
N GLN A 5 -9.82 9.18 32.37
CA GLN A 5 -9.53 9.08 33.79
C GLN A 5 -8.12 9.60 34.07
N GLY A 6 -8.03 10.46 35.07
CA GLY A 6 -6.76 11.02 35.44
C GLY A 6 -6.27 12.12 34.54
N GLY A 7 -7.11 12.67 33.66
CA GLY A 7 -6.71 13.83 32.89
C GLY A 7 -5.89 13.54 31.65
N SER A 8 -6.00 12.34 31.14
CA SER A 8 -5.20 11.81 30.06
C SER A 8 -6.15 11.16 29.05
N ASN A 9 -5.82 11.27 27.74
CA ASN A 9 -6.42 10.41 26.73
C ASN A 9 -5.35 9.51 26.11
N PRO A 10 -5.73 8.33 25.58
CA PRO A 10 -4.77 7.55 24.79
C PRO A 10 -4.26 8.34 23.59
N LYS A 11 -3.01 8.05 23.19
CA LYS A 11 -2.42 8.77 22.07
C LYS A 11 -3.29 8.67 20.83
N PHE A 12 -3.89 7.51 20.55
CA PHE A 12 -4.67 7.38 19.32
C PHE A 12 -5.93 8.24 19.36
N GLU A 13 -6.48 8.46 20.55
CA GLU A 13 -7.65 9.34 20.65
C GLU A 13 -7.25 10.78 20.38
N ASN A 14 -6.08 11.17 20.89
CA ASN A 14 -5.61 12.52 20.64
C ASN A 14 -5.26 12.73 19.16
N ILE A 15 -4.72 11.71 18.52
CA ILE A 15 -4.51 11.78 17.07
C ILE A 15 -5.85 11.98 16.36
N ALA A 16 -6.87 11.19 16.72
CA ALA A 16 -8.17 11.34 16.07
C ALA A 16 -8.70 12.76 16.19
N GLU A 17 -8.60 13.34 17.38
CA GLU A 17 -9.09 14.71 17.57
C GLU A 17 -8.27 15.71 16.78
N GLY A 18 -6.95 15.53 16.72
CA GLY A 18 -6.14 16.45 15.95
C GLY A 18 -6.44 16.38 14.47
N LEU A 19 -6.62 15.16 13.97
CA LEU A 19 -7.00 14.98 12.58
C LEU A 19 -8.36 15.59 12.30
N ARG A 20 -9.33 15.37 13.19
CA ARG A 20 -10.65 15.94 12.98
C ARG A 20 -10.58 17.46 12.86
N ALA A 21 -9.78 18.11 13.70
CA ALA A 21 -9.67 19.55 13.65
C ALA A 21 -9.04 20.02 12.35
N LEU A 22 -7.97 19.37 11.91
CA LEU A 22 -7.34 19.78 10.66
C LEU A 22 -8.27 19.53 9.48
N LEU A 23 -8.92 18.38 9.44
CA LEU A 23 -9.75 18.04 8.29
C LEU A 23 -10.99 18.92 8.22
N ALA A 24 -11.46 19.45 9.36
CA ALA A 24 -12.61 20.34 9.34
C ALA A 24 -12.35 21.60 8.54
N ARG A 25 -11.08 21.91 8.27
CA ARG A 25 -10.77 23.07 7.45
C ARG A 25 -11.07 22.86 5.96
N SER A 26 -11.24 21.62 5.53
CA SER A 26 -11.36 21.28 4.11
C SER A 26 -12.67 20.56 3.82
N HIS A 27 -13.57 21.24 3.11
CA HIS A 27 -14.91 20.72 2.82
C HIS A 27 -14.91 20.05 1.46
N VAL A 28 -14.18 18.95 1.37
CA VAL A 28 -13.98 18.28 0.11
C VAL A 28 -14.72 16.94 0.11
N GLU A 29 -15.04 16.47 -1.08
N GLU A 29 -15.04 16.47 -1.08
CA GLU A 29 -15.72 15.20 -1.21
CA GLU A 29 -15.72 15.20 -1.21
C GLU A 29 -14.82 14.07 -0.74
C GLU A 29 -14.83 14.08 -0.74
N ARG A 30 -15.42 13.15 0.02
CA ARG A 30 -14.74 11.96 0.48
C ARG A 30 -15.24 10.69 -0.19
N THR A 31 -16.36 10.75 -0.89
CA THR A 31 -16.96 9.60 -1.52
C THR A 31 -17.41 9.99 -2.92
N THR A 32 -17.63 8.98 -3.75
CA THR A 32 -18.17 9.18 -5.10
C THR A 32 -19.36 8.25 -5.30
N ASP A 33 -20.19 8.59 -6.30
CA ASP A 33 -21.25 7.68 -6.70
C ASP A 33 -20.70 6.34 -7.15
N GLU A 34 -19.54 6.35 -7.83
CA GLU A 34 -18.95 5.11 -8.30
C GLU A 34 -18.48 4.24 -7.14
N GLY A 35 -18.05 4.86 -6.03
CA GLY A 35 -17.66 4.13 -4.84
C GLY A 35 -16.36 3.39 -4.97
N THR A 36 -15.57 3.70 -5.98
CA THR A 36 -14.34 2.98 -6.25
C THR A 36 -13.17 3.55 -5.46
N TRP A 37 -12.25 2.66 -5.10
CA TRP A 37 -11.10 2.98 -4.26
C TRP A 37 -9.95 3.28 -5.19
N VAL A 38 -9.81 4.56 -5.52
CA VAL A 38 -8.89 5.00 -6.57
C VAL A 38 -7.72 5.78 -6.04
N ALA A 39 -7.74 6.17 -4.78
CA ALA A 39 -6.72 7.01 -4.20
C ALA A 39 -6.28 6.42 -2.88
N GLY A 40 -5.16 6.93 -2.38
CA GLY A 40 -4.76 6.49 -1.07
C GLY A 40 -3.71 7.40 -0.50
N VAL A 41 -3.36 7.13 0.75
N VAL A 41 -3.28 7.02 0.70
CA VAL A 41 -2.16 7.71 1.34
CA VAL A 41 -2.23 7.68 1.46
C VAL A 41 -1.34 6.55 1.88
C VAL A 41 -1.34 6.60 2.04
N PHE A 42 -0.05 6.66 1.71
CA PHE A 42 0.93 5.65 2.07
C PHE A 42 1.77 6.23 3.19
N VAL A 43 1.72 5.61 4.38
CA VAL A 43 2.22 6.19 5.62
C VAL A 43 3.30 5.26 6.16
N TYR A 44 4.48 5.81 6.48
CA TYR A 44 5.57 4.92 6.82
C TYR A 44 6.59 5.62 7.72
N GLY A 45 7.51 4.84 8.26
CA GLY A 45 8.53 5.40 9.11
C GLY A 45 8.08 5.60 10.55
N GLY A 46 8.83 6.42 11.27
CA GLY A 46 8.53 6.62 12.67
C GLY A 46 9.01 5.46 13.52
N SER A 47 8.05 4.67 13.97
CA SER A 47 8.28 3.47 14.76
C SER A 47 6.99 2.69 14.66
N LYS A 48 7.04 1.40 14.99
CA LYS A 48 5.82 0.62 14.94
C LYS A 48 4.76 1.20 15.88
N THR A 49 5.15 1.63 17.07
CA THR A 49 4.17 2.15 18.02
C THR A 49 3.56 3.47 17.53
N SER A 50 4.38 4.36 16.96
CA SER A 50 3.82 5.63 16.49
C SER A 50 2.88 5.41 15.32
N LEU A 51 3.23 4.50 14.41
CA LEU A 51 2.32 4.19 13.31
C LEU A 51 1.06 3.50 13.81
N TYR A 52 1.20 2.62 14.80
CA TYR A 52 0.04 1.98 15.42
C TYR A 52 -0.95 3.03 15.89
N ASN A 53 -0.46 4.03 16.59
CA ASN A 53 -1.35 5.05 17.13
C ASN A 53 -1.96 5.89 16.03
N LEU A 54 -1.17 6.21 15.01
CA LEU A 54 -1.67 7.00 13.89
C LEU A 54 -2.73 6.24 13.11
N ARG A 55 -2.51 4.95 12.87
CA ARG A 55 -3.48 4.13 12.18
C ARG A 55 -4.80 4.07 12.95
N ARG A 56 -4.72 3.78 14.24
N ARG A 56 -4.72 3.80 14.25
CA ARG A 56 -5.94 3.71 15.05
CA ARG A 56 -5.95 3.70 15.04
C ARG A 56 -6.66 5.05 15.06
C ARG A 56 -6.65 5.05 15.12
N GLY A 57 -5.90 6.14 15.20
CA GLY A 57 -6.53 7.45 15.24
C GLY A 57 -7.14 7.85 13.92
N THR A 58 -6.50 7.49 12.82
CA THR A 58 -7.06 7.77 11.49
C THR A 58 -8.39 7.07 11.32
N ALA A 59 -8.45 5.79 11.70
CA ALA A 59 -9.70 5.05 11.61
C ALA A 59 -10.80 5.73 12.39
N LEU A 60 -10.48 6.19 13.61
CA LEU A 60 -11.50 6.81 14.46
C LEU A 60 -11.99 8.11 13.87
N ALA A 61 -11.09 8.87 13.26
CA ALA A 61 -11.44 10.17 12.72
C ALA A 61 -12.20 10.10 11.40
N ILE A 62 -11.98 9.05 10.60
CA ILE A 62 -12.44 9.01 9.22
C ILE A 62 -13.16 7.71 8.89
N PRO A 63 -14.48 7.67 9.04
CA PRO A 63 -15.22 6.43 8.70
C PRO A 63 -15.20 6.11 7.22
N GLN A 64 -14.94 7.10 6.37
CA GLN A 64 -15.04 6.93 4.92
C GLN A 64 -13.83 6.24 4.33
N CYS A 65 -12.80 5.94 5.12
CA CYS A 65 -11.58 5.36 4.60
C CYS A 65 -11.49 3.89 4.98
N ARG A 66 -10.50 3.20 4.43
CA ARG A 66 -10.20 1.82 4.77
C ARG A 66 -8.69 1.69 4.91
N LEU A 67 -8.23 0.91 5.88
CA LEU A 67 -6.82 0.85 6.22
C LEU A 67 -6.30 -0.58 6.13
N THR A 68 -5.06 -0.72 5.66
CA THR A 68 -4.38 -1.98 5.82
C THR A 68 -3.87 -2.13 7.23
N PRO A 69 -3.51 -3.35 7.63
CA PRO A 69 -2.68 -3.52 8.82
C PRO A 69 -1.35 -2.83 8.67
N LEU A 70 -0.65 -2.75 9.78
CA LEU A 70 0.78 -2.45 9.72
C LEU A 70 1.52 -3.58 9.04
N SER A 71 2.52 -3.21 8.25
CA SER A 71 3.42 -4.18 7.64
C SER A 71 4.79 -3.54 7.48
N ARG A 72 5.68 -4.22 6.78
CA ARG A 72 7.09 -3.83 6.70
C ARG A 72 7.47 -3.45 5.28
N LEU A 73 8.40 -2.49 5.17
CA LEU A 73 8.95 -2.08 3.88
C LEU A 73 10.20 -2.86 3.54
N PRO A 74 10.40 -3.12 2.25
CA PRO A 74 11.71 -3.59 1.78
C PRO A 74 12.72 -2.45 1.80
N PHE A 75 13.97 -2.79 1.58
CA PHE A 75 15.05 -1.82 1.44
C PHE A 75 15.01 -1.18 0.05
N GLY A 76 15.62 -0.01 -0.07
CA GLY A 76 15.81 0.58 -1.38
C GLY A 76 17.11 0.09 -1.97
N MET A 77 18.00 1.03 -2.27
CA MET A 77 19.32 0.70 -2.79
C MET A 77 20.07 -0.14 -1.76
N ALA A 78 20.77 -1.16 -2.25
CA ALA A 78 21.70 -1.96 -1.47
C ALA A 78 21.02 -2.62 -0.28
N PRO A 79 20.12 -3.56 -0.52
CA PRO A 79 19.46 -4.24 0.60
C PRO A 79 20.44 -4.90 1.56
N GLY A 80 19.99 -5.08 2.81
CA GLY A 80 20.74 -5.83 3.80
C GLY A 80 20.85 -7.30 3.43
N PRO A 81 21.53 -8.07 4.26
CA PRO A 81 21.79 -9.47 3.93
C PRO A 81 20.56 -10.36 4.12
N GLY A 82 20.61 -11.52 3.48
CA GLY A 82 19.58 -12.51 3.64
C GLY A 82 19.75 -13.66 2.68
N PRO A 83 19.16 -14.82 3.01
CA PRO A 83 19.26 -15.98 2.11
C PRO A 83 18.37 -15.88 0.89
N GLN A 84 17.53 -14.87 0.79
CA GLN A 84 16.56 -14.79 -0.30
C GLN A 84 16.87 -13.60 -1.19
N PRO A 85 16.26 -13.52 -2.37
CA PRO A 85 16.62 -12.45 -3.31
C PRO A 85 16.41 -11.05 -2.72
N GLY A 86 17.27 -10.14 -3.14
CA GLY A 86 17.26 -8.77 -2.66
C GLY A 86 15.90 -8.09 -2.62
N PRO A 87 15.09 -8.23 -3.67
CA PRO A 87 13.76 -7.57 -3.65
C PRO A 87 12.88 -7.98 -2.47
N LEU A 88 13.12 -9.13 -1.85
CA LEU A 88 12.26 -9.62 -0.80
C LEU A 88 12.72 -9.22 0.59
N ARG A 89 13.94 -8.72 0.74
CA ARG A 89 14.47 -8.52 2.08
C ARG A 89 13.74 -7.39 2.79
N GLU A 90 13.37 -7.65 4.03
CA GLU A 90 12.54 -6.74 4.80
C GLU A 90 13.41 -5.91 5.73
N SER A 91 13.14 -4.60 5.71
CA SER A 91 13.70 -3.68 6.69
C SER A 91 12.92 -3.75 7.99
N ILE A 92 13.35 -2.95 8.97
CA ILE A 92 12.60 -2.80 10.21
C ILE A 92 11.62 -1.64 10.18
N VAL A 93 11.52 -0.92 9.06
CA VAL A 93 10.62 0.21 8.90
C VAL A 93 9.24 -0.28 8.52
N CYS A 94 8.21 0.26 9.18
CA CYS A 94 6.85 -0.19 8.95
C CYS A 94 6.08 0.82 8.13
N TYR A 95 4.92 0.37 7.64
CA TYR A 95 4.03 1.21 6.86
C TYR A 95 2.60 0.72 7.05
N PHE A 96 1.66 1.58 6.66
CA PHE A 96 0.29 1.17 6.36
C PHE A 96 -0.23 2.03 5.22
N MET A 97 -1.34 1.58 4.63
N MET A 97 -1.32 1.57 4.63
CA MET A 97 -1.95 2.27 3.50
CA MET A 97 -1.98 2.28 3.56
C MET A 97 -3.41 2.58 3.83
C MET A 97 -3.40 2.65 3.97
N VAL A 98 -3.83 3.78 3.46
CA VAL A 98 -5.21 4.25 3.58
C VAL A 98 -5.79 4.26 2.18
N PHE A 99 -6.92 3.59 1.99
CA PHE A 99 -7.65 3.64 0.72
C PHE A 99 -8.76 4.68 0.80
N LEU A 100 -8.91 5.45 -0.28
N LEU A 100 -8.95 5.42 -0.29
CA LEU A 100 -9.87 6.55 -0.33
CA LEU A 100 -9.88 6.54 -0.35
C LEU A 100 -10.59 6.55 -1.68
C LEU A 100 -10.59 6.56 -1.70
N GLN A 101 -11.79 7.12 -1.69
CA GLN A 101 -12.58 7.22 -2.92
C GLN A 101 -12.30 8.47 -3.73
N THR A 102 -11.62 9.47 -3.17
CA THR A 102 -11.35 10.67 -3.94
C THR A 102 -9.89 11.09 -3.83
N HIS A 103 -9.38 11.61 -4.94
CA HIS A 103 -8.03 12.14 -5.00
C HIS A 103 -7.88 13.38 -4.13
N ILE A 104 -8.88 14.26 -4.13
CA ILE A 104 -8.73 15.47 -3.32
C ILE A 104 -8.67 15.13 -1.83
N PHE A 105 -9.47 14.19 -1.35
CA PHE A 105 -9.39 13.90 0.07
C PHE A 105 -8.07 13.22 0.42
N ALA A 106 -7.51 12.39 -0.48
CA ALA A 106 -6.18 11.86 -0.21
C ALA A 106 -5.17 12.99 -0.02
N GLU A 107 -5.22 14.03 -0.85
CA GLU A 107 -4.31 15.17 -0.68
C GLU A 107 -4.51 15.84 0.67
N VAL A 108 -5.77 16.12 1.02
CA VAL A 108 -6.08 16.78 2.29
C VAL A 108 -5.62 15.94 3.46
N LEU A 109 -5.82 14.63 3.39
CA LEU A 109 -5.40 13.76 4.49
C LEU A 109 -3.88 13.69 4.59
N LYS A 110 -3.18 13.60 3.45
CA LYS A 110 -1.72 13.65 3.46
C LYS A 110 -1.23 14.91 4.16
N ASP A 111 -1.82 16.06 3.84
CA ASP A 111 -1.39 17.30 4.46
C ASP A 111 -1.72 17.30 5.94
N ALA A 112 -2.88 16.77 6.32
CA ALA A 112 -3.25 16.74 7.72
C ALA A 112 -2.29 15.86 8.51
N ILE A 113 -1.93 14.69 7.99
CA ILE A 113 -1.00 13.83 8.72
C ILE A 113 0.34 14.52 8.86
N LYS A 114 0.86 15.13 7.79
N LYS A 114 0.84 15.13 7.79
CA LYS A 114 2.13 15.81 7.87
CA LYS A 114 2.12 15.81 7.84
C LYS A 114 2.10 16.91 8.92
C LYS A 114 2.10 16.92 8.89
N ASP A 115 1.02 17.72 8.91
CA ASP A 115 0.91 18.80 9.89
C ASP A 115 0.83 18.27 11.31
N LEU A 116 0.09 17.19 11.50
CA LEU A 116 -0.11 16.65 12.84
C LEU A 116 1.18 16.07 13.40
N VAL A 117 1.86 15.23 12.61
CA VAL A 117 3.00 14.54 13.19
C VAL A 117 4.14 15.51 13.46
N MET A 118 4.21 16.63 12.74
N MET A 118 4.20 16.64 12.75
CA MET A 118 5.22 17.63 13.04
CA MET A 118 5.21 17.65 13.03
C MET A 118 5.08 18.22 14.44
C MET A 118 5.06 18.28 14.41
N THR A 119 3.90 18.12 15.06
CA THR A 119 3.69 18.66 16.40
C THR A 119 4.03 17.66 17.50
N LYS A 120 4.39 16.43 17.15
CA LYS A 120 4.65 15.38 18.11
C LYS A 120 6.15 15.14 18.28
N PRO A 121 6.55 14.62 19.43
CA PRO A 121 7.97 14.30 19.62
C PRO A 121 8.39 13.14 18.73
N ALA A 122 9.71 13.01 18.57
CA ALA A 122 10.24 11.83 17.92
C ALA A 122 9.88 10.60 18.75
N PRO A 123 9.61 9.47 18.09
CA PRO A 123 9.76 9.26 16.64
C PRO A 123 8.55 9.56 15.74
N THR A 124 7.43 9.97 16.36
CA THR A 124 6.24 10.24 15.60
C THR A 124 6.49 11.30 14.54
N CYS A 125 7.29 12.31 14.85
CA CYS A 125 7.48 13.36 13.85
C CYS A 125 8.33 12.89 12.67
N ASN A 126 8.89 11.68 12.72
CA ASN A 126 9.67 11.12 11.62
C ASN A 126 8.80 10.34 10.66
N ILE A 127 7.50 10.20 10.94
CA ILE A 127 6.61 9.56 10.01
C ILE A 127 6.55 10.34 8.70
N ARG A 128 6.52 9.59 7.59
CA ARG A 128 6.47 10.12 6.23
C ARG A 128 5.15 9.72 5.59
N VAL A 129 4.70 10.50 4.62
CA VAL A 129 3.45 10.21 3.93
C VAL A 129 3.50 10.70 2.50
N THR A 130 2.93 9.91 1.60
CA THR A 130 2.70 10.33 0.24
C THR A 130 1.32 9.90 -0.21
N VAL A 131 0.71 10.74 -1.02
CA VAL A 131 -0.48 10.35 -1.75
C VAL A 131 -0.12 9.28 -2.75
N CYS A 132 -1.09 8.42 -3.02
CA CYS A 132 -0.96 7.49 -4.11
C CYS A 132 -2.27 7.39 -4.88
N SER A 133 -2.15 6.84 -6.09
CA SER A 133 -3.32 6.63 -6.92
C SER A 133 -3.24 5.23 -7.52
N PHE A 134 -4.39 4.64 -7.77
CA PHE A 134 -4.52 3.30 -8.33
C PHE A 134 -5.20 3.41 -9.68
N ASP A 135 -4.46 3.13 -10.76
CA ASP A 135 -4.98 3.37 -12.11
C ASP A 135 -6.33 2.72 -12.34
N ASP A 136 -6.51 1.48 -11.88
CA ASP A 136 -7.73 0.71 -12.13
C ASP A 136 -8.55 0.53 -10.87
N GLY A 137 -8.23 1.27 -9.82
CA GLY A 137 -8.86 1.09 -8.54
C GLY A 137 -8.40 -0.18 -7.86
N VAL A 138 -8.79 -0.34 -6.60
CA VAL A 138 -8.62 -1.58 -5.85
C VAL A 138 -10.01 -2.06 -5.47
N ASP A 139 -10.35 -3.28 -5.90
CA ASP A 139 -11.65 -3.89 -5.63
C ASP A 139 -11.61 -4.50 -4.24
N LEU A 140 -11.77 -3.66 -3.22
CA LEU A 140 -11.78 -4.14 -1.85
C LEU A 140 -12.98 -5.07 -1.62
N PRO A 141 -12.83 -6.11 -0.82
CA PRO A 141 -13.88 -7.14 -0.71
C PRO A 141 -15.06 -6.78 0.19
N SER B 8 16.56 -24.63 -6.71
CA SER B 8 16.05 -25.67 -5.84
C SER B 8 14.59 -25.42 -5.49
N ASN B 9 14.03 -24.28 -5.90
CA ASN B 9 12.61 -23.94 -5.69
C ASN B 9 11.94 -23.94 -7.05
N PRO B 10 11.57 -25.12 -7.57
CA PRO B 10 11.07 -25.15 -8.96
C PRO B 10 9.79 -24.35 -9.15
N LYS B 11 8.91 -24.33 -8.15
CA LYS B 11 7.69 -23.56 -8.25
C LYS B 11 8.01 -22.08 -8.47
N PHE B 12 8.85 -21.49 -7.61
CA PHE B 12 9.15 -20.06 -7.76
C PHE B 12 9.91 -19.80 -9.05
N GLU B 13 10.82 -20.70 -9.43
CA GLU B 13 11.59 -20.51 -10.66
C GLU B 13 10.70 -20.64 -11.89
N ASN B 14 9.69 -21.51 -11.85
N ASN B 14 9.71 -21.54 -11.86
CA ASN B 14 8.81 -21.64 -13.02
CA ASN B 14 8.78 -21.65 -12.97
C ASN B 14 7.95 -20.39 -13.19
C ASN B 14 8.02 -20.34 -13.18
N ILE B 15 7.55 -19.75 -12.10
CA ILE B 15 6.83 -18.48 -12.20
C ILE B 15 7.76 -17.39 -12.70
N ALA B 16 8.97 -17.35 -12.17
CA ALA B 16 9.96 -16.41 -12.67
C ALA B 16 10.14 -16.55 -14.18
N GLU B 17 10.26 -17.79 -14.68
CA GLU B 17 10.46 -17.99 -16.10
C GLU B 17 9.23 -17.55 -16.90
N GLY B 18 8.04 -17.78 -16.37
CA GLY B 18 6.85 -17.34 -17.06
C GLY B 18 6.81 -15.83 -17.16
N LEU B 19 7.17 -15.14 -16.07
CA LEU B 19 7.21 -13.69 -16.09
C LEU B 19 8.29 -13.18 -17.04
N ARG B 20 9.48 -13.79 -16.98
CA ARG B 20 10.57 -13.36 -17.84
C ARG B 20 10.22 -13.49 -19.31
N ALA B 21 9.54 -14.57 -19.67
CA ALA B 21 9.15 -14.76 -21.06
C ALA B 21 8.23 -13.64 -21.53
N LEU B 22 7.31 -13.20 -20.66
CA LEU B 22 6.39 -12.13 -21.02
C LEU B 22 7.10 -10.78 -21.00
N LEU B 23 7.94 -10.54 -20.01
CA LEU B 23 8.66 -9.28 -19.91
C LEU B 23 9.70 -9.13 -21.00
N ALA B 24 10.15 -10.24 -21.60
CA ALA B 24 11.13 -10.17 -22.67
C ALA B 24 10.61 -9.45 -23.90
N ARG B 25 9.29 -9.35 -24.05
CA ARG B 25 8.71 -8.65 -25.20
C ARG B 25 8.91 -7.15 -25.12
N SER B 26 9.34 -6.63 -23.98
N SER B 26 9.31 -6.63 -23.98
CA SER B 26 9.49 -5.20 -23.80
CA SER B 26 9.48 -5.20 -23.77
C SER B 26 10.94 -4.89 -23.44
C SER B 26 10.94 -4.89 -23.44
N HIS B 27 11.37 -3.69 -23.79
CA HIS B 27 12.71 -3.24 -23.48
C HIS B 27 12.68 -1.87 -22.83
N VAL B 28 11.67 -1.61 -22.00
CA VAL B 28 11.56 -0.30 -21.38
C VAL B 28 12.49 -0.21 -20.17
N GLU B 29 12.86 1.01 -19.81
N GLU B 29 12.86 1.01 -19.81
CA GLU B 29 13.78 1.23 -18.71
CA GLU B 29 13.77 1.24 -18.69
C GLU B 29 13.14 0.83 -17.38
C GLU B 29 13.13 0.82 -17.38
N ARG B 30 13.91 0.14 -16.55
CA ARG B 30 13.45 -0.31 -15.24
C ARG B 30 14.00 0.53 -14.10
N THR B 31 15.06 1.30 -14.35
CA THR B 31 15.69 2.12 -13.34
C THR B 31 15.87 3.52 -13.88
N THR B 32 16.12 4.44 -12.95
CA THR B 32 16.46 5.81 -13.31
C THR B 32 17.72 6.23 -12.55
N ASP B 33 18.36 7.28 -13.06
CA ASP B 33 19.49 7.86 -12.33
C ASP B 33 19.08 8.40 -10.97
N GLU B 34 17.85 8.90 -10.87
CA GLU B 34 17.35 9.39 -9.59
C GLU B 34 17.20 8.26 -8.58
N GLY B 35 16.80 7.07 -9.03
CA GLY B 35 16.68 5.91 -8.18
C GLY B 35 15.51 5.95 -7.25
N THR B 36 14.55 6.84 -7.49
CA THR B 36 13.41 6.99 -6.59
C THR B 36 12.28 6.01 -6.93
N TRP B 37 11.53 5.64 -5.89
CA TRP B 37 10.48 4.61 -5.97
C TRP B 37 9.17 5.35 -6.16
N VAL B 38 8.79 5.55 -7.42
CA VAL B 38 7.71 6.48 -7.76
C VAL B 38 6.49 5.79 -8.31
N ALA B 39 6.58 4.50 -8.61
CA ALA B 39 5.48 3.74 -9.18
C ALA B 39 5.47 2.36 -8.55
N GLY B 40 4.47 1.60 -8.93
CA GLY B 40 4.44 0.24 -8.42
C GLY B 40 3.29 -0.49 -9.04
N VAL B 41 3.17 -1.75 -8.62
CA VAL B 41 2.05 -2.59 -8.97
C VAL B 41 1.51 -3.16 -7.68
N PHE B 42 0.20 -3.06 -7.52
CA PHE B 42 -0.54 -3.48 -6.35
C PHE B 42 -1.26 -4.77 -6.74
N VAL B 43 -0.89 -5.87 -6.11
CA VAL B 43 -1.29 -7.22 -6.52
C VAL B 43 -2.11 -7.82 -5.39
N TYR B 44 -3.28 -8.40 -5.71
CA TYR B 44 -4.14 -8.85 -4.63
C TYR B 44 -5.11 -9.92 -5.10
N GLY B 45 -5.79 -10.52 -4.14
CA GLY B 45 -6.75 -11.58 -4.46
C GLY B 45 -6.07 -12.92 -4.65
N GLY B 46 -6.78 -13.78 -5.38
CA GLY B 46 -6.32 -15.16 -5.50
C GLY B 46 -6.47 -15.89 -4.19
N SER B 47 -5.33 -16.27 -3.62
CA SER B 47 -5.25 -16.92 -2.32
C SER B 47 -3.94 -16.44 -1.70
N LYS B 48 -3.81 -16.62 -0.39
CA LYS B 48 -2.56 -16.23 0.26
C LYS B 48 -1.37 -16.97 -0.37
N THR B 49 -1.52 -18.28 -0.56
CA THR B 49 -0.39 -19.06 -1.09
C THR B 49 -0.08 -18.70 -2.54
N SER B 50 -1.11 -18.49 -3.38
CA SER B 50 -0.82 -18.16 -4.78
C SER B 50 -0.16 -16.80 -4.91
N LEU B 51 -0.58 -15.84 -4.10
CA LEU B 51 0.11 -14.55 -4.07
C LEU B 51 1.53 -14.70 -3.58
N TYR B 52 1.74 -15.44 -2.49
CA TYR B 52 3.10 -15.68 -2.01
C TYR B 52 3.98 -16.24 -3.13
N ASN B 53 3.48 -17.26 -3.84
CA ASN B 53 4.27 -17.85 -4.92
C ASN B 53 4.58 -16.82 -6.00
N LEU B 54 3.58 -16.02 -6.37
CA LEU B 54 3.82 -14.99 -7.38
C LEU B 54 4.87 -13.98 -6.91
N ARG B 55 4.83 -13.59 -5.64
CA ARG B 55 5.80 -12.67 -5.08
C ARG B 55 7.22 -13.25 -5.17
N ARG B 56 7.38 -14.54 -4.86
CA ARG B 56 8.71 -15.16 -4.98
C ARG B 56 9.18 -15.15 -6.42
N GLY B 57 8.31 -15.47 -7.37
CA GLY B 57 8.73 -15.45 -8.77
C GLY B 57 9.05 -14.05 -9.27
N THR B 58 8.27 -13.06 -8.83
CA THR B 58 8.54 -11.68 -9.22
C THR B 58 9.93 -11.24 -8.74
N ALA B 59 10.30 -11.61 -7.52
CA ALA B 59 11.61 -11.25 -6.99
C ALA B 59 12.73 -11.81 -7.83
N LEU B 60 12.57 -13.03 -8.35
CA LEU B 60 13.61 -13.65 -9.15
C LEU B 60 13.69 -13.04 -10.54
N ALA B 61 12.53 -12.72 -11.12
CA ALA B 61 12.46 -12.19 -12.47
C ALA B 61 12.85 -10.72 -12.55
N ILE B 62 12.74 -9.98 -11.47
CA ILE B 62 12.91 -8.53 -11.51
C ILE B 62 13.81 -8.09 -10.36
N PRO B 63 15.13 -8.20 -10.50
CA PRO B 63 16.03 -7.70 -9.45
C PRO B 63 15.85 -6.21 -9.16
N GLN B 64 15.28 -5.47 -10.11
CA GLN B 64 15.18 -4.02 -10.02
C GLN B 64 14.01 -3.56 -9.18
N CYS B 65 13.14 -4.48 -8.76
CA CYS B 65 11.98 -4.10 -7.96
C CYS B 65 12.24 -4.33 -6.48
N ARG B 66 11.30 -3.87 -5.66
CA ARG B 66 11.28 -4.15 -4.23
C ARG B 66 9.88 -4.57 -3.85
N LEU B 67 9.76 -5.48 -2.88
CA LEU B 67 8.47 -6.08 -2.59
C LEU B 67 8.13 -5.96 -1.12
N THR B 68 6.89 -5.63 -0.81
CA THR B 68 6.45 -5.81 0.56
C THR B 68 6.19 -7.27 0.83
N PRO B 69 6.12 -7.66 2.10
CA PRO B 69 5.47 -8.94 2.44
C PRO B 69 4.02 -8.90 2.03
N LEU B 70 3.39 -10.06 2.06
CA LEU B 70 1.93 -10.11 1.98
C LEU B 70 1.31 -9.47 3.21
N SER B 71 0.17 -8.83 3.01
CA SER B 71 -0.65 -8.37 4.09
C SER B 71 -2.10 -8.52 3.68
N ARG B 72 -3.01 -7.96 4.46
N ARG B 72 -3.01 -7.95 4.46
CA ARG B 72 -4.43 -8.18 4.27
CA ARG B 72 -4.43 -8.14 4.28
C ARG B 72 -5.14 -6.90 3.86
C ARG B 72 -5.09 -6.87 3.79
N LEU B 73 -6.13 -7.04 2.98
CA LEU B 73 -6.96 -5.91 2.61
C LEU B 73 -8.10 -5.70 3.59
N PRO B 74 -8.46 -4.44 3.79
CA PRO B 74 -9.73 -4.12 4.49
C PRO B 74 -10.89 -4.35 3.54
N PHE B 75 -12.09 -4.26 4.10
CA PHE B 75 -13.29 -4.36 3.29
C PHE B 75 -13.60 -3.04 2.60
N GLY B 76 -14.40 -3.15 1.54
CA GLY B 76 -14.88 -1.97 0.84
C GLY B 76 -16.20 -1.50 1.41
N MET B 77 -17.09 -1.14 0.49
N MET B 77 -17.13 -1.13 0.53
CA MET B 77 -18.46 -0.80 0.85
CA MET B 77 -18.45 -0.72 0.98
C MET B 77 -19.34 -2.04 0.98
C MET B 77 -19.41 -1.90 0.92
N ALA B 78 -20.24 -1.99 1.94
CA ALA B 78 -21.26 -3.04 2.01
C ALA B 78 -22.51 -2.55 1.30
N PRO B 79 -23.13 -3.40 0.49
CA PRO B 79 -24.44 -3.03 -0.08
C PRO B 79 -25.50 -2.94 1.00
N GLY B 80 -26.59 -2.25 0.66
CA GLY B 80 -27.71 -2.13 1.56
C GLY B 80 -27.62 -0.96 2.51
N PRO B 81 -28.59 -0.86 3.44
CA PRO B 81 -28.59 0.25 4.39
C PRO B 81 -27.89 -0.07 5.70
N GLY B 82 -27.50 -1.33 5.92
CA GLY B 82 -26.90 -1.72 7.17
C GLY B 82 -25.56 -1.05 7.39
N PRO B 83 -24.89 -1.41 8.47
CA PRO B 83 -23.65 -0.70 8.84
C PRO B 83 -22.52 -1.01 7.88
N GLN B 84 -21.71 -0.01 7.63
CA GLN B 84 -20.48 -0.20 6.88
C GLN B 84 -19.42 -0.78 7.80
N PRO B 85 -18.45 -1.49 7.26
CA PRO B 85 -17.34 -1.96 8.10
C PRO B 85 -16.50 -0.80 8.61
N GLY B 86 -15.97 -0.97 9.80
CA GLY B 86 -15.02 0.00 10.31
C GLY B 86 -13.75 -0.01 9.48
N PRO B 87 -13.01 1.09 9.48
CA PRO B 87 -11.84 1.19 8.59
C PRO B 87 -10.74 0.18 8.87
N LEU B 88 -10.64 -0.34 10.09
CA LEU B 88 -9.59 -1.29 10.43
C LEU B 88 -9.96 -2.74 10.17
N ARG B 89 -11.24 -3.06 9.93
CA ARG B 89 -11.65 -4.45 9.74
C ARG B 89 -10.85 -5.10 8.62
N GLU B 90 -10.33 -6.28 8.88
CA GLU B 90 -9.51 -6.99 7.90
C GLU B 90 -10.27 -8.15 7.27
N SER B 91 -10.10 -8.27 5.97
CA SER B 91 -10.66 -9.38 5.21
C SER B 91 -9.65 -10.53 5.17
N ILE B 92 -10.05 -11.63 4.53
CA ILE B 92 -9.13 -12.74 4.24
C ILE B 92 -8.40 -12.57 2.92
N VAL B 93 -8.67 -11.48 2.18
CA VAL B 93 -8.03 -11.24 0.91
C VAL B 93 -6.69 -10.58 1.15
N CYS B 94 -5.64 -11.11 0.55
CA CYS B 94 -4.30 -10.58 0.76
C CYS B 94 -3.84 -9.75 -0.42
N TYR B 95 -2.76 -9.01 -0.20
CA TYR B 95 -2.13 -8.19 -1.23
C TYR B 95 -0.63 -8.14 -0.97
N PHE B 96 0.12 -7.73 -1.99
CA PHE B 96 1.47 -7.22 -1.78
C PHE B 96 1.70 -6.11 -2.78
N MET B 97 2.69 -5.27 -2.47
N MET B 97 2.71 -5.30 -2.49
CA MET B 97 3.08 -4.14 -3.31
CA MET B 97 3.09 -4.19 -3.35
C MET B 97 4.45 -4.38 -3.93
C MET B 97 4.46 -4.41 -3.94
N VAL B 98 4.56 -4.06 -5.22
CA VAL B 98 5.82 -4.03 -5.95
C VAL B 98 6.17 -2.55 -6.13
N PHE B 99 7.34 -2.15 -5.64
CA PHE B 99 7.85 -0.79 -5.84
C PHE B 99 8.79 -0.79 -7.05
N LEU B 100 8.66 0.24 -7.88
CA LEU B 100 9.40 0.38 -9.12
C LEU B 100 9.87 1.82 -9.31
N GLN B 101 10.94 1.96 -10.07
CA GLN B 101 11.52 3.27 -10.36
C GLN B 101 10.94 3.95 -11.60
N THR B 102 10.19 3.24 -12.44
CA THR B 102 9.56 3.85 -13.59
C THR B 102 8.12 3.40 -13.73
N HIS B 103 7.25 4.35 -14.08
CA HIS B 103 5.87 4.03 -14.38
C HIS B 103 5.74 3.19 -15.64
N ILE B 104 6.60 3.42 -16.64
CA ILE B 104 6.48 2.68 -17.89
C ILE B 104 6.70 1.20 -17.64
N PHE B 105 7.66 0.85 -16.78
CA PHE B 105 7.85 -0.57 -16.46
C PHE B 105 6.74 -1.09 -15.54
N ALA B 106 6.18 -0.26 -14.65
CA ALA B 106 5.01 -0.71 -13.90
C ALA B 106 3.90 -1.18 -14.82
N GLU B 107 3.64 -0.42 -15.90
CA GLU B 107 2.58 -0.80 -16.83
C GLU B 107 2.90 -2.14 -17.49
N VAL B 108 4.15 -2.34 -17.86
CA VAL B 108 4.57 -3.58 -18.50
C VAL B 108 4.43 -4.75 -17.53
N LEU B 109 4.81 -4.55 -16.27
CA LEU B 109 4.71 -5.63 -15.30
C LEU B 109 3.26 -5.96 -15.00
N LYS B 110 2.40 -4.93 -14.89
CA LYS B 110 0.97 -5.17 -14.68
C LYS B 110 0.41 -6.07 -15.80
N ASP B 111 0.72 -5.74 -17.05
CA ASP B 111 0.27 -6.56 -18.16
C ASP B 111 0.84 -7.97 -18.11
N ALA B 112 2.12 -8.13 -17.74
CA ALA B 112 2.73 -9.46 -17.65
C ALA B 112 2.04 -10.30 -16.56
N ILE B 113 1.76 -9.71 -15.40
CA ILE B 113 1.11 -10.48 -14.34
C ILE B 113 -0.27 -10.91 -14.80
N LYS B 114 -1.01 -10.01 -15.42
CA LYS B 114 -2.36 -10.35 -15.89
C LYS B 114 -2.30 -11.49 -16.89
N ASP B 115 -1.38 -11.40 -17.85
CA ASP B 115 -1.26 -12.44 -18.87
C ASP B 115 -0.80 -13.76 -18.25
N LEU B 116 0.09 -13.72 -17.26
CA LEU B 116 0.54 -14.95 -16.65
C LEU B 116 -0.57 -15.65 -15.90
N VAL B 117 -1.29 -14.93 -15.04
CA VAL B 117 -2.20 -15.63 -14.14
C VAL B 117 -3.44 -16.14 -14.86
N MET B 118 -3.79 -15.55 -16.01
CA MET B 118 -4.99 -16.00 -16.69
C MET B 118 -4.83 -17.35 -17.34
N THR B 119 -3.61 -17.88 -17.38
CA THR B 119 -3.37 -19.19 -17.95
C THR B 119 -3.39 -20.29 -16.90
N LYS B 120 -3.68 -19.95 -15.65
CA LYS B 120 -3.61 -20.84 -14.50
C LYS B 120 -4.99 -21.13 -13.93
N PRO B 121 -5.17 -22.28 -13.29
CA PRO B 121 -6.47 -22.56 -12.65
C PRO B 121 -6.68 -21.70 -11.42
N ALA B 122 -7.94 -21.62 -11.01
CA ALA B 122 -8.27 -20.99 -9.74
C ALA B 122 -7.49 -21.68 -8.63
N PRO B 123 -7.06 -20.95 -7.60
CA PRO B 123 -7.38 -19.52 -7.41
C PRO B 123 -6.41 -18.53 -8.06
N THR B 124 -5.35 -19.04 -8.69
CA THR B 124 -4.32 -18.16 -9.28
C THR B 124 -4.94 -17.19 -10.28
N CYS B 125 -5.86 -17.65 -11.14
CA CYS B 125 -6.43 -16.76 -12.14
C CYS B 125 -7.29 -15.66 -11.54
N ASN B 126 -7.58 -15.72 -10.26
CA ASN B 126 -8.35 -14.67 -9.61
C ASN B 126 -7.48 -13.55 -9.04
N ILE B 127 -6.15 -13.65 -9.19
CA ILE B 127 -5.27 -12.55 -8.79
C ILE B 127 -5.57 -11.35 -9.65
N ARG B 128 -5.60 -10.18 -9.01
CA ARG B 128 -5.87 -8.90 -9.63
C ARG B 128 -4.65 -8.00 -9.49
N VAL B 129 -4.51 -7.04 -10.39
CA VAL B 129 -3.37 -6.14 -10.35
C VAL B 129 -3.72 -4.79 -10.93
N THR B 130 -3.22 -3.74 -10.28
CA THR B 130 -3.32 -2.39 -10.81
C THR B 130 -1.98 -1.70 -10.64
N VAL B 131 -1.65 -0.86 -11.62
CA VAL B 131 -0.56 0.09 -11.45
C VAL B 131 -0.93 1.10 -10.38
N CYS B 132 0.08 1.55 -9.65
CA CYS B 132 -0.10 2.62 -8.70
C CYS B 132 1.07 3.57 -8.80
N SER B 133 0.81 4.81 -8.42
CA SER B 133 1.82 5.84 -8.44
C SER B 133 1.84 6.54 -7.09
N PHE B 134 3.04 6.99 -6.71
CA PHE B 134 3.32 7.67 -5.43
C PHE B 134 3.71 9.11 -5.74
N ASP B 135 2.85 10.07 -5.38
CA ASP B 135 3.07 11.46 -5.80
C ASP B 135 4.47 11.94 -5.46
N ASP B 136 4.93 11.66 -4.25
CA ASP B 136 6.20 12.16 -3.74
C ASP B 136 7.25 11.07 -3.63
N GLY B 137 6.96 9.89 -4.18
CA GLY B 137 7.80 8.73 -4.04
C GLY B 137 7.72 8.14 -2.65
N VAL B 138 8.31 6.95 -2.51
CA VAL B 138 8.44 6.27 -1.23
C VAL B 138 9.92 6.14 -0.94
N ASP B 139 10.37 6.70 0.18
CA ASP B 139 11.79 6.68 0.57
C ASP B 139 12.06 5.35 1.27
N LEU B 140 12.17 4.30 0.47
CA LEU B 140 12.50 2.99 1.02
C LEU B 140 13.83 3.08 1.75
N PRO B 141 13.98 2.40 2.89
CA PRO B 141 15.16 2.66 3.73
C PRO B 141 16.45 2.08 3.20
C13 60Q C . 1.74 -22.90 -11.73
C01 60Q C . 1.51 -17.37 -11.24
C02 60Q C . 1.51 -18.73 -11.55
C03 60Q C . 1.20 -19.65 -10.58
C04 60Q C . 0.93 -19.22 -9.28
C05 60Q C . 0.94 -17.86 -8.98
C06 60Q C . 1.23 -16.95 -9.96
C07 60Q C . 0.58 -20.12 -8.10
O08 60Q C . 1.45 -20.90 -7.63
O09 60Q C . -0.57 -20.07 -7.61
N10 60Q C . 1.18 -20.94 -10.91
C11 60Q C . 0.15 -21.75 -10.70
C12 60Q C . 0.48 -23.01 -11.19
C14 60Q C . 2.14 -21.59 -11.55
H131 60Q C . 2.23 -23.58 -12.14
H011 60Q C . 1.70 -16.75 -11.90
H021 60Q C . 1.69 -19.00 -12.42
H051 60Q C . 0.74 -17.58 -8.11
H061 60Q C . 1.23 -16.05 -9.76
H111 60Q C . -0.65 -21.52 -10.30
H121 60Q C . -0.06 -23.78 -11.15
H141 60Q C . 2.95 -21.22 -11.84
C11 KW1 D . 7.04 -13.06 3.59
C11 KW1 D . 7.23 -13.27 3.36
C13 KW1 D . 7.53 -13.92 6.45
C13 KW1 D . 7.37 -13.76 6.40
C14 KW1 D . 6.23 -14.44 7.09
C14 KW1 D . 6.18 -14.46 7.07
C01 KW1 D . 0.07 -12.87 5.46
C01 KW1 D . 0.35 -12.62 5.69
C02 KW1 D . 1.24 -13.57 4.76
C02 KW1 D . 1.53 -13.32 5.00
C05 KW1 D . 3.32 -14.11 4.07
C05 KW1 D . 3.52 -13.98 4.28
C06 KW1 D . 2.57 -13.26 4.91
C06 KW1 D . 2.90 -13.07 5.14
C09 KW1 D . 5.52 -13.02 3.38
C09 KW1 D . 5.70 -13.12 3.39
N04 KW1 D . 2.48 -14.90 3.48
N04 KW1 D . 2.64 -14.71 3.69
N08 KW1 D . 4.77 -14.06 4.04
N08 KW1 D . 4.96 -14.09 4.12
O03 KW1 D . 1.22 -14.57 3.88
O03 KW1 D . 1.41 -14.32 4.11
O10 KW1 D . 4.95 -12.22 2.72
O10 KW1 D . 5.14 -12.24 2.82
O15 KW1 D . 5.44 -15.15 6.37
O15 KW1 D . 5.42 -15.20 6.36
O16 KW1 D . 5.96 -14.19 8.31
O16 KW1 D . 5.95 -14.27 8.31
S12 KW1 D . 7.29 -12.49 5.32
S12 KW1 D . 7.78 -14.38 4.73
BR KW1 D . 3.24 -11.86 6.11
BR KW1 D . 3.82 -11.78 6.25
H112 KW1 D . 7.48 -12.45 2.96
H112 KW1 D . 7.65 -12.41 3.47
H111 KW1 D . 7.38 -13.96 3.47
H111 KW1 D . 7.49 -13.66 2.51
H132 KW1 D . 7.92 -14.64 5.94
H132 KW1 D . 8.15 -13.88 6.97
H131 KW1 D . 8.12 -13.65 7.16
H131 KW1 D . 7.16 -12.82 6.34
H012 KW1 D . -0.76 -13.18 5.08
H012 KW1 D . -0.48 -12.91 5.27
H013 KW1 D . 0.15 -11.91 5.34
H013 KW1 D . 0.44 -11.66 5.60
H011 KW1 D . 0.09 -13.08 6.41
H011 KW1 D . 0.34 -12.87 6.63
H081 KW1 D . 5.21 -14.70 4.43
H081 KW1 D . 5.36 -14.76 4.49
#